data_4ERY
#
_entry.id   4ERY
#
_cell.length_a   46.530
_cell.length_b   68.250
_cell.length_c   87.880
_cell.angle_alpha   90.000
_cell.angle_beta   90.000
_cell.angle_gamma   90.000
#
_symmetry.space_group_name_H-M   'P 21 21 21'
#
loop_
_entity.id
_entity.type
_entity.pdbx_description
1 polymer 'WD repeat-containing protein 5'
2 polymer 'Histone-lysine N-methyltransferase MLL3'
3 water water
#
loop_
_entity_poly.entity_id
_entity_poly.type
_entity_poly.pdbx_seq_one_letter_code
_entity_poly.pdbx_strand_id
1 'polypeptide(L)'
;ATQSKPTPVKPNYALKFTLAGHTKAVSSVKFSPNGEWLASSSADKLIKIWGAYDGKFEKTISGHKLGISDVAWSSDSNLL
VSASDDKTLKIWDVSSGKCLKTLKGHSNYVFCCNFNPQSNLIVSGSFDESVRIWDVKTGKCLKTLPAHSDPVSAVHFNRD
GSLIVSSSYDGLCRIWDTASGQCLKTLIDDDNPPVSFVKFSPNGKYILAATLDNTLKLWDYSKGKCLKTYTGHKNEKYCI
FANFSVTGGKWIVSGSEDNLVYIWNLQTKEIVQKLQGHTDVVISTACHPTENIIASAALENDKTIKLWKSDC
;
A
2 'polypeptide(L)' VNPTGCARSEPKMS D
#
# COMPACT_ATOMS: atom_id res chain seq x y z
N VAL A 9 -2.95 -1.16 -26.86
CA VAL A 9 -2.46 0.18 -27.16
C VAL A 9 -1.92 0.88 -25.91
N LYS A 10 -0.68 1.36 -25.99
CA LYS A 10 0.01 1.95 -24.84
C LYS A 10 -0.72 3.14 -24.23
N PRO A 11 -0.61 3.31 -22.90
CA PRO A 11 -1.37 4.38 -22.27
C PRO A 11 -0.67 5.72 -22.51
N ASN A 12 -1.38 6.80 -22.23
CA ASN A 12 -0.83 8.13 -22.38
C ASN A 12 -1.13 8.96 -21.15
N TYR A 13 -0.89 8.38 -19.97
CA TYR A 13 -1.05 9.12 -18.71
C TYR A 13 -0.34 10.46 -18.78
N ALA A 14 -1.07 11.51 -18.43
CA ALA A 14 -0.55 12.87 -18.46
C ALA A 14 -0.99 13.55 -17.18
N LEU A 15 -0.12 14.42 -16.67
CA LEU A 15 -0.38 15.08 -15.39
C LEU A 15 -1.57 16.02 -15.51
N LYS A 16 -2.53 15.88 -14.60
CA LYS A 16 -3.68 16.78 -14.59
C LYS A 16 -3.72 17.68 -13.36
N PHE A 17 -3.32 17.17 -12.19
CA PHE A 17 -3.36 17.93 -10.95
C PHE A 17 -2.24 17.56 -10.01
N THR A 18 -1.74 18.56 -9.30
CA THR A 18 -0.77 18.33 -8.23
C THR A 18 -1.39 18.80 -6.93
N LEU A 19 -1.36 17.93 -5.93
CA LEU A 19 -2.07 18.10 -4.68
C LEU A 19 -1.05 18.41 -3.58
N ALA A 20 -1.06 19.64 -3.08
CA ALA A 20 -0.11 20.06 -2.07
C ALA A 20 -0.81 20.24 -0.74
N GLY A 21 -0.07 20.03 0.34
CA GLY A 21 -0.64 20.29 1.66
C GLY A 21 0.07 19.56 2.79
N HIS A 22 0.53 18.35 2.52
CA HIS A 22 1.33 17.65 3.53
C HIS A 22 2.64 18.40 3.74
N THR A 23 3.16 18.32 4.98
CA THR A 23 4.35 19.08 5.36
C THR A 23 5.57 18.20 5.56
N LYS A 24 5.39 16.90 5.40
CA LYS A 24 6.50 15.95 5.38
C LYS A 24 6.20 14.92 4.29
N ALA A 25 7.08 13.93 4.14
CA ALA A 25 6.88 12.87 3.15
C ALA A 25 5.46 12.35 3.14
N VAL A 26 4.89 12.18 1.95
CA VAL A 26 3.66 11.42 1.85
C VAL A 26 4.05 9.95 1.91
N SER A 27 3.24 9.12 2.56
CA SER A 27 3.56 7.69 2.67
C SER A 27 2.67 6.76 1.85
N SER A 28 1.41 7.13 1.65
CA SER A 28 0.47 6.22 0.98
C SER A 28 -0.72 7.00 0.45
N VAL A 29 -1.17 6.66 -0.77
CA VAL A 29 -2.43 7.17 -1.31
C VAL A 29 -3.30 6.01 -1.76
N LYS A 30 -4.62 6.16 -1.59
CA LYS A 30 -5.60 5.10 -1.88
C LYS A 30 -6.89 5.73 -2.39
N PHE A 31 -7.46 5.20 -3.47
CA PHE A 31 -8.77 5.65 -3.94
C PHE A 31 -9.89 4.94 -3.19
N SER A 32 -10.93 5.67 -2.83
CA SER A 32 -12.10 5.04 -2.21
C SER A 32 -12.74 4.08 -3.20
N PRO A 33 -13.32 2.97 -2.69
CA PRO A 33 -13.94 2.01 -3.62
C PRO A 33 -15.06 2.62 -4.47
N ASN A 34 -15.75 3.65 -3.97
CA ASN A 34 -16.81 4.28 -4.74
C ASN A 34 -16.31 5.28 -5.77
N GLY A 35 -14.99 5.45 -5.86
CA GLY A 35 -14.40 6.27 -6.90
C GLY A 35 -14.38 7.78 -6.66
N GLU A 36 -14.95 8.20 -5.53
CA GLU A 36 -15.17 9.62 -5.28
C GLU A 36 -13.96 10.34 -4.67
N TRP A 37 -13.15 9.61 -3.90
CA TRP A 37 -12.15 10.24 -3.05
C TRP A 37 -10.79 9.58 -3.15
N LEU A 38 -9.76 10.36 -2.82
CA LEU A 38 -8.42 9.86 -2.60
C LEU A 38 -8.06 10.19 -1.15
N ALA A 39 -7.55 9.20 -0.43
CA ALA A 39 -6.99 9.45 0.91
C ALA A 39 -5.48 9.36 0.85
N SER A 40 -4.81 10.25 1.57
CA SER A 40 -3.37 10.21 1.69
C SER A 40 -2.96 10.18 3.16
N SER A 41 -1.89 9.46 3.45
CA SER A 41 -1.26 9.50 4.77
C SER A 41 0.13 10.08 4.63
N SER A 42 0.66 10.61 5.74
CA SER A 42 1.96 11.25 5.72
C SER A 42 2.74 11.11 7.02
N ALA A 43 4.05 11.26 6.89
CA ALA A 43 4.96 11.41 8.02
C ALA A 43 4.62 12.64 8.87
N ASP A 44 3.79 13.55 8.35
CA ASP A 44 3.37 14.72 9.13
C ASP A 44 2.25 14.43 10.13
N LYS A 45 1.92 13.15 10.29
CA LYS A 45 0.91 12.66 11.24
C LYS A 45 -0.53 12.87 10.79
N LEU A 46 -0.71 13.33 9.56
CA LEU A 46 -2.03 13.65 9.06
C LEU A 46 -2.53 12.71 7.96
N ILE A 47 -3.84 12.57 7.89
CA ILE A 47 -4.52 12.01 6.74
C ILE A 47 -5.24 13.14 6.01
N LYS A 48 -5.16 13.18 4.69
CA LYS A 48 -5.93 14.16 3.93
C LYS A 48 -6.84 13.45 2.92
N ILE A 49 -8.00 14.05 2.67
CA ILE A 49 -8.97 13.54 1.72
C ILE A 49 -9.06 14.54 0.56
N TRP A 50 -9.08 14.04 -0.67
CA TRP A 50 -9.08 14.87 -1.89
C TRP A 50 -10.09 14.29 -2.86
N GLY A 51 -10.65 15.13 -3.72
CA GLY A 51 -11.52 14.64 -4.79
C GLY A 51 -10.73 13.78 -5.75
N ALA A 52 -11.28 12.63 -6.11
CA ALA A 52 -10.56 11.64 -6.92
C ALA A 52 -10.35 12.10 -8.36
N TYR A 53 -11.24 12.95 -8.86
CA TYR A 53 -11.20 13.32 -10.28
C TYR A 53 -10.46 14.64 -10.55
N ASP A 54 -10.45 15.53 -9.57
CA ASP A 54 -9.85 16.85 -9.75
C ASP A 54 -8.85 17.24 -8.67
N GLY A 55 -8.64 16.34 -7.71
CA GLY A 55 -7.69 16.57 -6.65
C GLY A 55 -8.10 17.65 -5.66
N LYS A 56 -9.39 18.03 -5.65
CA LYS A 56 -9.83 19.11 -4.78
C LYS A 56 -9.70 18.74 -3.30
N PHE A 57 -8.99 19.56 -2.53
CA PHE A 57 -8.83 19.29 -1.11
C PHE A 57 -10.20 19.25 -0.44
N GLU A 58 -10.42 18.22 0.37
CA GLU A 58 -11.69 18.04 1.06
C GLU A 58 -11.58 18.24 2.57
N LYS A 59 -10.67 17.50 3.22
CA LYS A 59 -10.49 17.63 4.66
C LYS A 59 -9.18 17.02 5.18
N THR A 60 -8.82 17.43 6.38
CA THR A 60 -7.69 16.84 7.10
C THR A 60 -8.21 16.07 8.30
N ILE A 61 -7.66 14.89 8.51
CA ILE A 61 -8.03 14.03 9.62
C ILE A 61 -6.80 13.82 10.50
N SER A 62 -6.93 14.12 11.79
CA SER A 62 -5.78 14.17 12.70
C SER A 62 -6.06 13.44 14.00
N GLY A 63 -4.98 13.02 14.67
CA GLY A 63 -5.11 12.32 15.95
C GLY A 63 -3.90 11.48 16.32
N HIS A 64 -3.24 10.89 15.33
CA HIS A 64 -2.04 10.10 15.62
C HIS A 64 -0.96 10.96 16.27
N LYS A 65 -0.18 10.35 17.15
CA LYS A 65 0.86 11.06 17.90
C LYS A 65 2.17 11.12 17.12
N LEU A 66 2.35 10.20 16.18
CA LEU A 66 3.53 10.19 15.33
C LEU A 66 3.11 9.96 13.90
N GLY A 67 4.08 9.98 13.00
CA GLY A 67 3.81 9.83 11.57
C GLY A 67 3.09 8.55 11.19
N ILE A 68 2.49 8.56 10.01
CA ILE A 68 1.66 7.45 9.52
C ILE A 68 2.29 6.87 8.27
N SER A 69 2.38 5.54 8.24
CA SER A 69 2.96 4.83 7.08
C SER A 69 1.95 4.26 6.06
N ASP A 70 0.68 4.14 6.43
CA ASP A 70 -0.31 3.56 5.52
C ASP A 70 -1.70 3.97 5.96
N VAL A 71 -2.61 3.98 5.00
CA VAL A 71 -4.03 4.23 5.25
C VAL A 71 -4.83 3.37 4.28
N ALA A 72 -6.04 2.95 4.64
CA ALA A 72 -6.83 2.07 3.79
C ALA A 72 -8.31 2.29 4.01
N TRP A 73 -9.11 2.08 2.96
CA TRP A 73 -10.56 2.30 2.98
C TRP A 73 -11.34 1.04 3.25
N SER A 74 -12.46 1.19 3.96
CA SER A 74 -13.45 0.13 4.02
C SER A 74 -14.19 0.02 2.69
N SER A 75 -14.86 -1.11 2.48
CA SER A 75 -15.52 -1.39 1.20
C SER A 75 -16.63 -0.42 0.86
N ASP A 76 -17.30 0.12 1.87
CA ASP A 76 -18.40 1.04 1.65
C ASP A 76 -17.95 2.52 1.57
N SER A 77 -16.64 2.73 1.54
CA SER A 77 -16.05 4.07 1.47
C SER A 77 -16.34 4.97 2.66
N ASN A 78 -16.83 4.41 3.76
CA ASN A 78 -17.18 5.22 4.93
C ASN A 78 -16.11 5.28 6.02
N LEU A 79 -15.22 4.30 6.05
CA LEU A 79 -14.20 4.24 7.10
C LEU A 79 -12.81 4.23 6.52
N LEU A 80 -11.86 4.69 7.32
CA LEU A 80 -10.43 4.52 7.04
C LEU A 80 -9.76 3.83 8.22
N VAL A 81 -8.66 3.12 7.94
CA VAL A 81 -7.76 2.70 9.01
C VAL A 81 -6.36 3.19 8.65
N SER A 82 -5.61 3.65 9.64
CA SER A 82 -4.25 4.15 9.44
C SER A 82 -3.27 3.39 10.35
N ALA A 83 -2.03 3.28 9.90
CA ALA A 83 -0.96 2.59 10.64
C ALA A 83 0.15 3.58 10.96
N SER A 84 0.49 3.70 12.24
CA SER A 84 1.37 4.78 12.69
C SER A 84 2.62 4.33 13.45
N ASP A 85 3.65 5.18 13.40
CA ASP A 85 4.85 5.02 14.24
C ASP A 85 4.52 5.03 15.72
N ASP A 86 3.34 5.53 16.09
CA ASP A 86 2.96 5.57 17.50
C ASP A 86 2.53 4.20 18.04
N LYS A 87 2.70 3.16 17.21
CA LYS A 87 2.46 1.75 17.56
C LYS A 87 0.98 1.36 17.54
N THR A 88 0.14 2.27 17.08
CA THR A 88 -1.29 2.01 16.99
C THR A 88 -1.81 2.09 15.56
N LEU A 89 -2.98 1.50 15.36
CA LEU A 89 -3.81 1.85 14.22
C LEU A 89 -5.00 2.65 14.74
N LYS A 90 -5.56 3.49 13.88
CA LYS A 90 -6.81 4.18 14.21
C LYS A 90 -7.84 3.92 13.13
N ILE A 91 -9.08 3.70 13.56
CA ILE A 91 -10.21 3.59 12.65
C ILE A 91 -10.91 4.95 12.66
N TRP A 92 -11.19 5.48 11.47
CA TRP A 92 -11.75 6.82 11.32
C TRP A 92 -13.08 6.78 10.62
N ASP A 93 -14.02 7.61 11.09
CA ASP A 93 -15.22 7.87 10.31
C ASP A 93 -14.89 8.99 9.34
N VAL A 94 -14.95 8.70 8.05
CA VAL A 94 -14.53 9.67 7.04
C VAL A 94 -15.39 10.95 7.05
N SER A 95 -16.70 10.79 7.16
CA SER A 95 -17.61 11.93 7.11
C SER A 95 -17.39 12.92 8.25
N SER A 96 -17.21 12.42 9.46
CA SER A 96 -17.01 13.29 10.63
C SER A 96 -15.54 13.60 10.89
N GLY A 97 -14.66 12.75 10.37
CA GLY A 97 -13.23 12.89 10.58
C GLY A 97 -12.76 12.44 11.96
N LYS A 98 -13.67 11.83 12.72
CA LYS A 98 -13.33 11.46 14.10
C LYS A 98 -12.78 10.04 14.20
N CYS A 99 -11.93 9.84 15.20
CA CYS A 99 -11.36 8.54 15.51
C CYS A 99 -12.39 7.69 16.26
N LEU A 100 -12.77 6.56 15.69
CA LEU A 100 -13.72 5.64 16.31
C LEU A 100 -13.05 4.69 17.30
N LYS A 101 -11.87 4.20 16.91
CA LYS A 101 -11.16 3.21 17.72
C LYS A 101 -9.68 3.39 17.56
N THR A 102 -8.94 3.09 18.62
CA THR A 102 -7.49 3.03 18.55
C THR A 102 -7.10 1.59 18.84
N LEU A 103 -6.42 0.97 17.89
CA LEU A 103 -6.07 -0.44 17.96
C LEU A 103 -4.68 -0.58 18.54
N LYS A 104 -4.62 -1.07 19.79
CA LYS A 104 -3.38 -1.17 20.54
C LYS A 104 -2.92 -2.61 20.68
N GLY A 105 -1.62 -2.83 20.56
CA GLY A 105 -1.07 -4.16 20.71
C GLY A 105 0.32 -4.31 20.13
N HIS A 106 0.55 -3.72 18.96
CA HIS A 106 1.87 -3.79 18.36
C HIS A 106 2.92 -3.15 19.27
N SER A 107 4.14 -3.66 19.20
CA SER A 107 5.21 -3.20 20.10
C SER A 107 6.25 -2.37 19.37
N ASN A 108 5.97 -2.02 18.12
CA ASN A 108 6.86 -1.20 17.32
C ASN A 108 6.02 -0.57 16.21
N TYR A 109 6.63 0.24 15.36
CA TYR A 109 5.90 0.98 14.33
C TYR A 109 4.92 0.09 13.58
N VAL A 110 3.68 0.54 13.41
CA VAL A 110 2.75 -0.17 12.53
C VAL A 110 2.96 0.37 11.12
N PHE A 111 3.09 -0.54 10.16
CA PHE A 111 3.61 -0.20 8.85
C PHE A 111 2.60 -0.26 7.71
N CYS A 112 1.67 -1.21 7.82
CA CYS A 112 0.75 -1.52 6.73
C CYS A 112 -0.58 -2.00 7.28
N CYS A 113 -1.64 -1.78 6.51
CA CYS A 113 -2.97 -2.13 6.98
C CYS A 113 -3.96 -2.28 5.83
N ASN A 114 -5.04 -3.01 6.10
CA ASN A 114 -6.10 -3.21 5.12
C ASN A 114 -7.36 -3.76 5.77
N PHE A 115 -8.53 -3.37 5.27
CA PHE A 115 -9.78 -4.00 5.65
C PHE A 115 -9.97 -5.27 4.81
N ASN A 116 -10.73 -6.23 5.32
CA ASN A 116 -11.20 -7.32 4.47
C ASN A 116 -12.39 -6.83 3.62
N PRO A 117 -12.77 -7.58 2.59
CA PRO A 117 -13.88 -7.12 1.76
C PRO A 117 -15.18 -6.89 2.54
N GLN A 118 -15.50 -7.75 3.50
CA GLN A 118 -16.67 -7.52 4.35
C GLN A 118 -16.49 -6.28 5.22
N SER A 119 -15.24 -5.96 5.50
CA SER A 119 -14.83 -4.80 6.31
C SER A 119 -15.23 -4.89 7.79
N ASN A 120 -15.47 -6.12 8.26
CA ASN A 120 -15.60 -6.39 9.69
C ASN A 120 -14.23 -6.63 10.36
N LEU A 121 -13.20 -6.88 9.54
CA LEU A 121 -11.84 -7.10 10.05
C LEU A 121 -10.84 -6.15 9.43
N ILE A 122 -9.78 -5.89 10.19
CA ILE A 122 -8.61 -5.16 9.70
C ILE A 122 -7.39 -6.06 9.94
N VAL A 123 -6.48 -6.08 8.98
CA VAL A 123 -5.20 -6.75 9.15
C VAL A 123 -4.12 -5.67 9.19
N SER A 124 -3.11 -5.88 10.03
CA SER A 124 -1.98 -4.96 10.15
C SER A 124 -0.67 -5.73 10.18
N GLY A 125 0.39 -5.07 9.73
CA GLY A 125 1.74 -5.58 9.84
C GLY A 125 2.62 -4.52 10.48
N SER A 126 3.63 -4.97 11.21
CA SER A 126 4.42 -4.06 12.04
C SER A 126 5.91 -4.38 11.99
N PHE A 127 6.72 -3.39 12.36
CA PHE A 127 8.15 -3.61 12.56
C PHE A 127 8.42 -4.56 13.74
N ASP A 128 7.39 -4.87 14.52
CA ASP A 128 7.53 -5.89 15.57
C ASP A 128 7.53 -7.33 15.02
N GLU A 129 7.45 -7.46 13.69
CA GLU A 129 7.59 -8.73 12.96
C GLU A 129 6.32 -9.59 13.00
N SER A 130 5.23 -9.00 13.49
CA SER A 130 3.95 -9.70 13.59
C SER A 130 2.89 -9.14 12.65
N VAL A 131 1.89 -9.98 12.41
CA VAL A 131 0.66 -9.59 11.73
C VAL A 131 -0.44 -9.70 12.77
N ARG A 132 -1.32 -8.71 12.84
CA ARG A 132 -2.47 -8.77 13.73
C ARG A 132 -3.77 -8.67 12.94
N ILE A 133 -4.79 -9.36 13.42
CA ILE A 133 -6.14 -9.32 12.87
C ILE A 133 -7.05 -8.73 13.94
N TRP A 134 -7.79 -7.69 13.57
CA TRP A 134 -8.55 -6.89 14.51
C TRP A 134 -10.03 -6.88 14.17
N ASP A 135 -10.86 -6.84 15.20
CA ASP A 135 -12.29 -6.68 15.00
C ASP A 135 -12.64 -5.20 14.93
N VAL A 136 -13.22 -4.78 13.81
CA VAL A 136 -13.55 -3.38 13.55
C VAL A 136 -14.55 -2.81 14.57
N LYS A 137 -15.58 -3.59 14.88
CA LYS A 137 -16.64 -3.14 15.78
C LYS A 137 -16.17 -2.91 17.22
N THR A 138 -15.33 -3.81 17.73
CA THR A 138 -14.90 -3.75 19.12
C THR A 138 -13.58 -3.03 19.27
N GLY A 139 -12.83 -2.93 18.19
CA GLY A 139 -11.53 -2.29 18.21
C GLY A 139 -10.46 -3.11 18.91
N LYS A 140 -10.75 -4.40 19.12
CA LYS A 140 -9.84 -5.28 19.85
C LYS A 140 -9.17 -6.30 18.94
N CYS A 141 -7.96 -6.71 19.31
CA CYS A 141 -7.22 -7.68 18.53
C CYS A 141 -7.82 -9.07 18.69
N LEU A 142 -8.00 -9.78 17.58
CA LEU A 142 -8.51 -11.14 17.60
C LEU A 142 -7.37 -12.14 17.59
N LYS A 143 -6.39 -11.90 16.72
CA LYS A 143 -5.27 -12.82 16.54
C LYS A 143 -3.96 -12.07 16.34
N THR A 144 -2.90 -12.58 16.95
CA THR A 144 -1.55 -12.12 16.67
C THR A 144 -0.81 -13.30 16.03
N LEU A 145 -0.31 -13.10 14.82
CA LEU A 145 0.37 -14.14 14.06
C LEU A 145 1.87 -13.93 14.14
N PRO A 146 2.60 -14.96 14.58
CA PRO A 146 4.07 -14.88 14.58
C PRO A 146 4.54 -15.08 13.14
N ALA A 147 4.34 -14.04 12.36
CA ALA A 147 4.33 -14.16 10.91
C ALA A 147 5.71 -14.23 10.25
N HIS A 148 6.65 -13.47 10.79
CA HIS A 148 7.91 -13.23 10.09
C HIS A 148 9.10 -13.05 11.04
N SER A 149 10.30 -13.06 10.48
CA SER A 149 11.52 -12.92 11.25
C SER A 149 12.20 -11.56 11.07
N ASP A 150 11.45 -10.61 10.52
CA ASP A 150 11.93 -9.26 10.20
C ASP A 150 10.67 -8.40 10.04
N PRO A 151 10.83 -7.08 9.88
CA PRO A 151 9.65 -6.23 9.69
C PRO A 151 8.67 -6.72 8.60
N VAL A 152 7.39 -6.55 8.87
CA VAL A 152 6.31 -6.92 7.93
C VAL A 152 5.98 -5.71 7.07
N SER A 153 6.24 -5.84 5.78
CA SER A 153 6.15 -4.71 4.85
C SER A 153 4.78 -4.51 4.22
N ALA A 154 3.97 -5.57 4.13
CA ALA A 154 2.65 -5.43 3.53
C ALA A 154 1.73 -6.54 4.00
N VAL A 155 0.43 -6.24 4.03
CA VAL A 155 -0.62 -7.21 4.34
C VAL A 155 -1.84 -6.91 3.46
N HIS A 156 -2.49 -7.95 2.95
CA HIS A 156 -3.63 -7.78 2.03
C HIS A 156 -4.54 -8.98 2.11
N PHE A 157 -5.86 -8.75 2.18
CA PHE A 157 -6.84 -9.84 2.11
C PHE A 157 -7.13 -10.19 0.66
N ASN A 158 -7.42 -11.46 0.41
CA ASN A 158 -7.97 -11.84 -0.89
C ASN A 158 -9.43 -11.42 -1.05
N ARG A 159 -10.04 -11.84 -2.15
CA ARG A 159 -11.32 -11.25 -2.56
C ARG A 159 -12.55 -11.66 -1.76
N ASP A 160 -12.44 -12.74 -0.99
CA ASP A 160 -13.51 -13.11 -0.07
C ASP A 160 -13.08 -13.02 1.40
N GLY A 161 -11.90 -12.46 1.63
CA GLY A 161 -11.39 -12.28 2.98
C GLY A 161 -10.91 -13.55 3.67
N SER A 162 -10.91 -14.67 2.97
CA SER A 162 -10.55 -15.93 3.62
C SER A 162 -9.04 -16.11 3.77
N LEU A 163 -8.27 -15.34 3.01
CA LEU A 163 -6.81 -15.41 3.00
C LEU A 163 -6.21 -14.04 3.25
N ILE A 164 -5.07 -14.04 3.91
CA ILE A 164 -4.22 -12.86 4.04
C ILE A 164 -2.87 -13.19 3.46
N VAL A 165 -2.33 -12.30 2.63
CA VAL A 165 -0.92 -12.43 2.25
C VAL A 165 -0.11 -11.38 2.99
N SER A 166 1.04 -11.79 3.51
CA SER A 166 1.97 -10.88 4.19
C SER A 166 3.35 -11.01 3.55
N SER A 167 4.13 -9.94 3.61
CA SER A 167 5.51 -9.95 3.15
C SER A 167 6.43 -9.37 4.20
N SER A 168 7.72 -9.67 4.08
CA SER A 168 8.69 -9.24 5.06
C SER A 168 10.09 -9.12 4.49
N TYR A 169 10.91 -8.32 5.15
CA TYR A 169 12.33 -8.24 4.86
C TYR A 169 13.04 -9.58 5.05
N ASP A 170 12.39 -10.54 5.73
CA ASP A 170 12.96 -11.89 5.85
C ASP A 170 13.03 -12.66 4.53
N GLY A 171 12.47 -12.07 3.47
CA GLY A 171 12.50 -12.67 2.14
C GLY A 171 11.28 -13.51 1.80
N LEU A 172 10.35 -13.64 2.74
CA LEU A 172 9.19 -14.50 2.56
C LEU A 172 7.89 -13.75 2.26
N CYS A 173 7.07 -14.37 1.44
CA CYS A 173 5.64 -14.07 1.38
C CYS A 173 4.93 -15.25 2.01
N ARG A 174 3.98 -14.97 2.89
CA ARG A 174 3.20 -16.03 3.50
C ARG A 174 1.73 -15.80 3.30
N ILE A 175 1.00 -16.89 3.10
CA ILE A 175 -0.44 -16.82 2.95
C ILE A 175 -1.07 -17.49 4.16
N TRP A 176 -1.98 -16.78 4.82
CA TRP A 176 -2.58 -17.18 6.08
C TRP A 176 -4.06 -17.42 5.93
N ASP A 177 -4.57 -18.42 6.64
CA ASP A 177 -6.00 -18.65 6.73
C ASP A 177 -6.55 -17.65 7.73
N THR A 178 -7.41 -16.73 7.28
CA THR A 178 -7.93 -15.70 8.17
C THR A 178 -8.63 -16.29 9.39
N ALA A 179 -9.47 -17.30 9.18
CA ALA A 179 -10.30 -17.82 10.25
C ALA A 179 -9.50 -18.43 11.41
N SER A 180 -8.41 -19.12 11.10
CA SER A 180 -7.62 -19.80 12.14
C SER A 180 -6.31 -19.10 12.46
N GLY A 181 -5.88 -18.19 11.59
CA GLY A 181 -4.57 -17.57 11.72
C GLY A 181 -3.42 -18.47 11.32
N GLN A 182 -3.70 -19.67 10.83
CA GLN A 182 -2.61 -20.61 10.52
C GLN A 182 -2.07 -20.42 9.11
N CYS A 183 -0.79 -20.71 8.93
CA CYS A 183 -0.14 -20.54 7.64
C CYS A 183 -0.53 -21.63 6.64
N LEU A 184 -0.95 -21.21 5.45
CA LEU A 184 -1.31 -22.13 4.36
C LEU A 184 -0.15 -22.41 3.42
N LYS A 185 0.66 -21.39 3.15
CA LYS A 185 1.72 -21.52 2.17
C LYS A 185 2.78 -20.45 2.37
N THR A 186 4.04 -20.79 2.12
CA THR A 186 5.14 -19.82 2.11
C THR A 186 5.75 -19.79 0.71
N LEU A 187 5.82 -18.60 0.11
CA LEU A 187 6.47 -18.44 -1.20
C LEU A 187 7.96 -18.19 -1.00
N ILE A 188 8.78 -19.03 -1.62
CA ILE A 188 10.22 -19.10 -1.35
C ILE A 188 11.13 -18.71 -2.52
N ASP A 189 12.17 -17.92 -2.24
CA ASP A 189 13.22 -17.59 -3.21
C ASP A 189 14.59 -18.04 -2.69
N ASP A 190 15.33 -18.76 -3.53
CA ASP A 190 16.70 -19.17 -3.22
C ASP A 190 17.54 -17.96 -2.85
N ASP A 191 17.39 -16.90 -3.64
CA ASP A 191 18.23 -15.71 -3.53
C ASP A 191 17.72 -14.78 -2.43
N ASN A 192 16.48 -15.02 -2.00
CA ASN A 192 15.92 -14.44 -0.78
C ASN A 192 16.03 -12.92 -0.54
N PRO A 193 15.79 -12.10 -1.58
CA PRO A 193 15.89 -10.67 -1.27
C PRO A 193 14.72 -10.19 -0.39
N PRO A 194 14.92 -9.12 0.38
CA PRO A 194 13.82 -8.60 1.21
C PRO A 194 12.58 -8.31 0.35
N VAL A 195 11.41 -8.73 0.85
CA VAL A 195 10.16 -8.46 0.15
C VAL A 195 9.53 -7.22 0.77
N SER A 196 9.24 -6.23 -0.08
CA SER A 196 8.83 -4.90 0.36
C SER A 196 7.35 -4.58 0.11
N PHE A 197 6.66 -5.43 -0.64
CA PHE A 197 5.24 -5.22 -0.91
C PHE A 197 4.64 -6.51 -1.45
N VAL A 198 3.39 -6.80 -1.10
CA VAL A 198 2.61 -7.88 -1.72
C VAL A 198 1.15 -7.49 -1.81
N LYS A 199 0.45 -8.03 -2.81
CA LYS A 199 -0.98 -7.80 -2.99
C LYS A 199 -1.57 -8.89 -3.86
N PHE A 200 -2.77 -9.37 -3.52
CA PHE A 200 -3.51 -10.27 -4.40
C PHE A 200 -3.94 -9.53 -5.67
N SER A 201 -4.05 -10.29 -6.75
CA SER A 201 -4.46 -9.75 -8.04
C SER A 201 -5.99 -9.60 -8.11
N PRO A 202 -6.47 -8.80 -9.06
CA PRO A 202 -7.90 -8.54 -9.28
C PRO A 202 -8.78 -9.78 -9.50
N ASN A 203 -8.20 -10.86 -10.01
CA ASN A 203 -8.94 -12.10 -10.26
C ASN A 203 -8.82 -13.07 -9.09
N GLY A 204 -7.97 -12.72 -8.13
CA GLY A 204 -7.82 -13.49 -6.91
C GLY A 204 -6.79 -14.60 -6.94
N LYS A 205 -6.21 -14.89 -8.11
CA LYS A 205 -5.35 -16.07 -8.20
C LYS A 205 -3.83 -15.81 -8.27
N TYR A 206 -3.45 -14.55 -8.44
CA TYR A 206 -2.02 -14.20 -8.42
C TYR A 206 -1.69 -13.29 -7.24
N ILE A 207 -0.40 -13.25 -6.91
CA ILE A 207 0.12 -12.31 -5.93
C ILE A 207 1.26 -11.52 -6.57
N LEU A 208 1.20 -10.21 -6.47
CA LEU A 208 2.25 -9.33 -6.95
C LEU A 208 3.17 -9.01 -5.78
N ALA A 209 4.47 -9.29 -5.93
CA ALA A 209 5.44 -9.06 -4.86
C ALA A 209 6.61 -8.22 -5.31
N ALA A 210 6.93 -7.18 -4.55
CA ALA A 210 8.13 -6.39 -4.79
C ALA A 210 9.25 -6.84 -3.90
N THR A 211 10.46 -6.86 -4.44
CA THR A 211 11.65 -7.15 -3.67
C THR A 211 12.67 -6.03 -3.86
N LEU A 212 13.51 -5.83 -2.85
CA LEU A 212 14.44 -4.71 -2.82
C LEU A 212 15.71 -4.98 -3.63
N ASP A 213 15.53 -5.65 -4.76
CA ASP A 213 16.57 -5.82 -5.76
C ASP A 213 16.03 -5.33 -7.11
N ASN A 214 15.23 -4.26 -7.06
CA ASN A 214 14.70 -3.62 -8.26
C ASN A 214 13.82 -4.55 -9.09
N THR A 215 12.99 -5.36 -8.43
CA THR A 215 12.20 -6.36 -9.13
C THR A 215 10.78 -6.45 -8.60
N LEU A 216 9.82 -6.61 -9.51
CA LEU A 216 8.46 -7.01 -9.16
C LEU A 216 8.21 -8.37 -9.78
N LYS A 217 7.45 -9.21 -9.10
CA LYS A 217 7.16 -10.55 -9.62
C LYS A 217 5.67 -10.87 -9.46
N LEU A 218 5.11 -11.53 -10.46
CA LEU A 218 3.74 -12.01 -10.38
C LEU A 218 3.80 -13.50 -10.09
N TRP A 219 3.27 -13.89 -8.94
CA TRP A 219 3.32 -15.28 -8.49
C TRP A 219 1.98 -15.96 -8.73
N ASP A 220 2.04 -17.19 -9.21
CA ASP A 220 0.85 -18.03 -9.26
C ASP A 220 0.67 -18.57 -7.85
N TYR A 221 -0.40 -18.15 -7.16
CA TYR A 221 -0.62 -18.58 -5.79
C TYR A 221 -0.80 -20.10 -5.70
N SER A 222 -1.67 -20.63 -6.56
CA SER A 222 -1.99 -22.05 -6.55
C SER A 222 -0.74 -22.93 -6.68
N LYS A 223 0.11 -22.61 -7.66
CA LYS A 223 1.30 -23.42 -7.95
C LYS A 223 2.52 -23.04 -7.12
N GLY A 224 2.46 -21.88 -6.47
CA GLY A 224 3.54 -21.41 -5.63
C GLY A 224 4.81 -21.03 -6.40
N LYS A 225 4.63 -20.45 -7.58
CA LYS A 225 5.79 -20.09 -8.39
C LYS A 225 5.59 -18.84 -9.24
N CYS A 226 6.71 -18.24 -9.64
CA CYS A 226 6.73 -16.96 -10.36
C CYS A 226 6.37 -17.12 -11.83
N LEU A 227 5.46 -16.28 -12.30
CA LEU A 227 5.00 -16.29 -13.70
C LEU A 227 5.61 -15.15 -14.52
N LYS A 228 5.68 -13.95 -13.93
CA LYS A 228 6.13 -12.76 -14.63
C LYS A 228 7.14 -12.02 -13.75
N THR A 229 8.13 -11.38 -14.38
CA THR A 229 9.07 -10.51 -13.69
C THR A 229 9.13 -9.16 -14.40
N TYR A 230 9.11 -8.07 -13.63
CA TYR A 230 9.12 -6.72 -14.16
C TYR A 230 10.32 -5.98 -13.59
N THR A 231 11.10 -5.37 -14.47
CA THR A 231 12.32 -4.67 -14.08
C THR A 231 12.48 -3.37 -14.86
N GLY A 232 13.51 -2.62 -14.52
CA GLY A 232 13.79 -1.37 -15.19
C GLY A 232 13.73 -0.19 -14.25
N HIS A 233 13.01 -0.36 -13.14
CA HIS A 233 12.87 0.70 -12.16
C HIS A 233 13.94 0.59 -11.08
N LYS A 234 13.89 1.48 -10.09
CA LYS A 234 14.84 1.44 -8.99
C LYS A 234 14.10 1.23 -7.67
N ASN A 235 14.42 0.13 -6.99
CA ASN A 235 13.80 -0.14 -5.71
C ASN A 235 14.68 -1.04 -4.84
N GLU A 236 15.47 -0.40 -3.98
CA GLU A 236 16.38 -1.11 -3.08
C GLU A 236 16.26 -0.62 -1.64
N LYS A 237 15.53 0.47 -1.41
CA LYS A 237 15.56 1.14 -0.11
C LYS A 237 14.20 1.34 0.61
N TYR A 238 13.11 1.40 -0.16
CA TYR A 238 11.80 1.75 0.40
C TYR A 238 10.73 0.73 0.03
N CYS A 239 9.70 0.66 0.88
CA CYS A 239 8.55 -0.19 0.59
C CYS A 239 7.56 0.60 -0.27
N ILE A 240 7.71 0.42 -1.58
CA ILE A 240 6.92 1.15 -2.57
C ILE A 240 5.72 0.31 -2.96
N PHE A 241 4.53 0.93 -2.94
CA PHE A 241 3.31 0.24 -3.34
C PHE A 241 3.37 -0.13 -4.83
N ALA A 242 2.68 -1.18 -5.23
CA ALA A 242 2.49 -1.48 -6.63
C ALA A 242 1.03 -1.85 -6.85
N ASN A 243 0.59 -1.80 -8.10
CA ASN A 243 -0.82 -1.99 -8.41
C ASN A 243 -1.01 -2.74 -9.71
N PHE A 244 -2.18 -3.35 -9.82
CA PHE A 244 -2.72 -3.80 -11.09
C PHE A 244 -3.65 -2.72 -11.62
N SER A 245 -3.39 -2.24 -12.83
CA SER A 245 -4.30 -1.32 -13.49
C SER A 245 -5.18 -2.14 -14.43
N VAL A 246 -6.49 -2.06 -14.25
CA VAL A 246 -7.40 -2.93 -15.00
C VAL A 246 -8.53 -2.24 -15.73
N THR A 247 -8.63 -0.92 -15.55
CA THR A 247 -9.73 -0.16 -16.13
C THR A 247 -9.59 -0.03 -17.65
N GLY A 248 -8.35 -0.09 -18.13
CA GLY A 248 -8.07 -0.02 -19.55
C GLY A 248 -7.10 -1.12 -19.92
N GLY A 249 -5.95 -0.78 -20.48
CA GLY A 249 -4.94 -1.79 -20.74
C GLY A 249 -4.51 -2.43 -19.44
N LYS A 250 -4.07 -3.69 -19.52
CA LYS A 250 -3.73 -4.42 -18.31
C LYS A 250 -2.28 -4.18 -17.94
N TRP A 251 -2.09 -3.29 -16.96
CA TRP A 251 -0.75 -2.86 -16.57
C TRP A 251 -0.39 -3.26 -15.14
N ILE A 252 0.91 -3.20 -14.87
CA ILE A 252 1.45 -3.14 -13.53
C ILE A 252 1.97 -1.71 -13.34
N VAL A 253 1.67 -1.11 -12.19
CA VAL A 253 2.06 0.26 -11.90
C VAL A 253 2.84 0.31 -10.58
N SER A 254 3.96 1.02 -10.59
CA SER A 254 4.73 1.18 -9.37
C SER A 254 5.45 2.51 -9.31
N GLY A 255 5.70 3.00 -8.11
CA GLY A 255 6.69 4.06 -7.91
C GLY A 255 8.11 3.53 -8.07
N SER A 256 9.07 4.43 -7.92
CA SER A 256 10.46 4.11 -8.14
C SER A 256 11.33 5.14 -7.44
N GLU A 257 12.54 4.71 -7.09
CA GLU A 257 13.48 5.57 -6.39
C GLU A 257 14.24 6.54 -7.31
N ASP A 258 13.98 6.48 -8.62
CA ASP A 258 14.47 7.50 -9.54
C ASP A 258 13.41 8.58 -9.83
N ASN A 259 12.40 8.65 -8.96
CA ASN A 259 11.36 9.70 -8.98
C ASN A 259 10.33 9.56 -10.10
N LEU A 260 10.28 8.40 -10.73
CA LEU A 260 9.33 8.15 -11.81
C LEU A 260 8.24 7.15 -11.39
N VAL A 261 7.09 7.24 -12.04
CA VAL A 261 6.09 6.18 -11.99
C VAL A 261 6.32 5.27 -13.18
N TYR A 262 6.46 3.98 -12.93
CA TYR A 262 6.61 3.00 -14.00
C TYR A 262 5.31 2.27 -14.27
N ILE A 263 5.06 2.06 -15.55
CA ILE A 263 3.89 1.30 -16.03
C ILE A 263 4.39 0.24 -17.00
N TRP A 264 4.11 -1.02 -16.68
CA TRP A 264 4.46 -2.16 -17.52
C TRP A 264 3.22 -2.84 -18.08
N ASN A 265 3.36 -3.41 -19.27
CA ASN A 265 2.37 -4.34 -19.79
C ASN A 265 2.44 -5.63 -18.95
N LEU A 266 1.34 -6.02 -18.34
CA LEU A 266 1.35 -7.19 -17.45
C LEU A 266 1.83 -8.45 -18.19
N GLN A 267 1.31 -8.67 -19.38
CA GLN A 267 1.62 -9.88 -20.14
C GLN A 267 3.02 -9.90 -20.72
N THR A 268 3.44 -8.80 -21.33
CA THR A 268 4.71 -8.79 -22.05
C THR A 268 5.87 -8.32 -21.19
N LYS A 269 5.54 -7.72 -20.04
CA LYS A 269 6.50 -7.16 -19.09
C LYS A 269 7.29 -5.96 -19.64
N GLU A 270 6.92 -5.48 -20.82
CA GLU A 270 7.59 -4.29 -21.35
C GLU A 270 7.11 -3.04 -20.65
N ILE A 271 8.04 -2.12 -20.37
CA ILE A 271 7.67 -0.81 -19.86
C ILE A 271 6.90 -0.10 -20.96
N VAL A 272 5.71 0.39 -20.64
CA VAL A 272 4.89 1.11 -21.63
C VAL A 272 4.81 2.61 -21.39
N GLN A 273 5.13 3.03 -20.17
CA GLN A 273 5.20 4.45 -19.84
C GLN A 273 6.02 4.69 -18.60
N LYS A 274 6.68 5.84 -18.55
CA LYS A 274 7.32 6.33 -17.32
C LYS A 274 6.82 7.76 -17.11
N LEU A 275 6.25 8.04 -15.95
CA LEU A 275 5.65 9.35 -15.68
C LEU A 275 6.63 10.21 -14.91
N GLN A 276 6.98 11.34 -15.51
CA GLN A 276 8.01 12.21 -14.96
C GLN A 276 7.37 13.47 -14.39
N GLY A 277 7.90 13.94 -13.28
CA GLY A 277 7.40 15.15 -12.64
C GLY A 277 7.73 15.27 -11.17
N HIS A 278 7.67 14.16 -10.45
CA HIS A 278 8.02 14.18 -9.02
C HIS A 278 9.51 14.49 -8.84
N THR A 279 9.86 15.04 -7.68
CA THR A 279 11.24 15.43 -7.40
C THR A 279 11.82 14.68 -6.21
N ASP A 280 11.16 13.60 -5.81
CA ASP A 280 11.70 12.68 -4.82
C ASP A 280 11.12 11.30 -5.12
N VAL A 281 11.57 10.30 -4.36
CA VAL A 281 11.12 8.93 -4.49
C VAL A 281 9.60 8.85 -4.55
N VAL A 282 9.07 8.14 -5.53
CA VAL A 282 7.63 7.91 -5.60
C VAL A 282 7.32 6.68 -4.76
N ILE A 283 6.85 6.92 -3.54
CA ILE A 283 6.67 5.87 -2.55
C ILE A 283 5.36 5.10 -2.76
N SER A 284 4.39 5.74 -3.41
CA SER A 284 3.06 5.17 -3.49
C SER A 284 2.37 5.55 -4.77
N THR A 285 1.67 4.59 -5.33
CA THR A 285 0.78 4.80 -6.46
C THR A 285 -0.52 4.07 -6.19
N ALA A 286 -1.59 4.51 -6.82
CA ALA A 286 -2.90 3.86 -6.75
C ALA A 286 -3.63 4.05 -8.06
N CYS A 287 -4.51 3.11 -8.38
CA CYS A 287 -5.30 3.16 -9.61
C CYS A 287 -6.77 3.29 -9.30
N HIS A 288 -7.43 4.22 -9.98
CA HIS A 288 -8.84 4.47 -9.77
C HIS A 288 -9.66 3.21 -10.09
N PRO A 289 -10.73 2.96 -9.32
CA PRO A 289 -11.47 1.69 -9.53
C PRO A 289 -12.21 1.59 -10.87
N THR A 290 -12.58 2.69 -11.51
CA THR A 290 -13.35 2.60 -12.76
C THR A 290 -12.80 3.43 -13.93
N GLU A 291 -12.12 4.53 -13.64
CA GLU A 291 -11.56 5.41 -14.67
C GLU A 291 -10.05 5.19 -14.81
N ASN A 292 -9.51 5.56 -15.97
CA ASN A 292 -8.06 5.44 -16.20
C ASN A 292 -7.31 6.62 -15.57
N ILE A 293 -7.16 6.56 -14.25
CA ILE A 293 -6.56 7.62 -13.44
C ILE A 293 -5.60 6.96 -12.46
N ILE A 294 -4.39 7.51 -12.36
CA ILE A 294 -3.38 7.07 -11.42
C ILE A 294 -3.09 8.22 -10.46
N ALA A 295 -2.94 7.89 -9.18
CA ALA A 295 -2.42 8.82 -8.18
C ALA A 295 -1.03 8.36 -7.78
N SER A 296 -0.14 9.32 -7.59
CA SER A 296 1.23 9.04 -7.12
C SER A 296 1.60 10.01 -6.02
N ALA A 297 2.51 9.60 -5.14
CA ALA A 297 2.94 10.46 -4.04
C ALA A 297 4.41 10.27 -3.75
N ALA A 298 5.04 11.33 -3.24
CA ALA A 298 6.49 11.34 -3.11
C ALA A 298 6.99 11.72 -1.72
N LEU A 299 8.26 11.40 -1.49
CA LEU A 299 8.94 11.65 -0.22
C LEU A 299 9.30 13.14 0.01
N GLU A 300 10.06 13.41 1.08
CA GLU A 300 10.19 14.74 1.71
C GLU A 300 10.60 15.91 0.83
N ASN A 301 11.36 15.67 -0.23
CA ASN A 301 11.78 16.80 -1.04
C ASN A 301 10.67 17.32 -1.94
N ASP A 302 9.63 16.50 -2.09
CA ASP A 302 8.53 16.76 -3.00
C ASP A 302 7.25 16.98 -2.20
N LYS A 303 6.80 15.90 -1.53
CA LYS A 303 5.67 15.94 -0.61
C LYS A 303 4.32 16.26 -1.24
N THR A 304 4.24 16.09 -2.56
CA THR A 304 2.98 16.28 -3.28
C THR A 304 2.43 14.95 -3.78
N ILE A 305 1.15 14.99 -4.13
CA ILE A 305 0.47 13.88 -4.76
C ILE A 305 0.10 14.36 -6.14
N LYS A 306 0.26 13.50 -7.15
CA LYS A 306 -0.09 13.87 -8.51
C LYS A 306 -1.18 12.96 -9.07
N LEU A 307 -2.10 13.54 -9.82
CA LEU A 307 -3.15 12.80 -10.51
C LEU A 307 -2.90 12.85 -11.99
N TRP A 308 -2.85 11.67 -12.60
CA TRP A 308 -2.55 11.49 -14.02
C TRP A 308 -3.74 10.80 -14.66
N LYS A 309 -4.09 11.23 -15.87
CA LYS A 309 -5.19 10.61 -16.62
C LYS A 309 -4.74 10.15 -18.00
N SER A 310 -5.27 9.00 -18.42
CA SER A 310 -4.95 8.41 -19.72
C SER A 310 -6.25 8.23 -20.52
N ASP A 311 -6.14 8.24 -21.84
CA ASP A 311 -7.29 7.98 -22.70
C ASP A 311 -7.62 6.49 -22.80
N CYS A 312 -6.73 5.64 -22.29
CA CYS A 312 -6.88 4.20 -22.45
C CYS A 312 -6.14 3.42 -21.37
N VAL B 1 13.60 6.82 17.08
CA VAL B 1 12.64 7.43 16.17
C VAL B 1 13.10 7.30 14.73
N ASN B 2 12.16 7.50 13.81
CA ASN B 2 12.49 7.63 12.41
C ASN B 2 12.63 9.10 12.10
N PRO B 3 13.84 9.54 11.74
CA PRO B 3 14.11 10.97 11.50
C PRO B 3 13.18 11.62 10.47
N THR B 4 12.73 10.87 9.46
CA THR B 4 11.85 11.42 8.43
C THR B 4 10.40 11.56 8.89
N GLY B 5 10.08 10.91 10.02
CA GLY B 5 8.76 11.05 10.62
C GLY B 5 7.86 9.82 10.56
N CYS B 6 8.15 8.89 9.66
CA CYS B 6 7.45 7.60 9.71
C CYS B 6 8.36 6.50 9.17
N ALA B 7 8.03 5.26 9.52
CA ALA B 7 8.83 4.13 9.06
C ALA B 7 8.96 4.02 7.53
N ARG B 8 7.85 4.26 6.83
CA ARG B 8 7.87 4.01 5.39
C ARG B 8 8.77 4.99 4.63
N SER B 9 8.91 6.21 5.15
CA SER B 9 9.74 7.21 4.50
C SER B 9 11.21 7.13 4.91
N GLU B 10 11.54 6.17 5.77
CA GLU B 10 12.90 5.99 6.25
C GLU B 10 13.58 4.94 5.37
N PRO B 11 14.77 5.25 4.85
CA PRO B 11 15.42 4.24 4.00
C PRO B 11 15.84 3.02 4.81
N LYS B 12 15.77 1.84 4.21
CA LYS B 12 16.11 0.61 4.93
C LYS B 12 17.61 0.55 5.18
N MET B 13 17.98 0.12 6.39
CA MET B 13 19.37 -0.09 6.74
C MET B 13 19.85 -1.45 6.22
N SER B 14 21.15 -1.55 5.94
CA SER B 14 21.75 -2.79 5.45
C SER B 14 21.52 -3.97 6.40
#